data_2FI1
#
_entry.id   2FI1
#
_cell.length_a   71.417
_cell.length_b   71.417
_cell.length_c   104.790
_cell.angle_alpha   90.00
_cell.angle_beta   90.00
_cell.angle_gamma   90.00
#
_symmetry.space_group_name_H-M   'I 41'
#
loop_
_entity.id
_entity.type
_entity.pdbx_description
1 polymer 'hydrolase, haloacid dehalogenase-like family'
2 non-polymer 'CALCIUM ION'
3 water water
#
_entity_poly.entity_id   1
_entity_poly.type   'polypeptide(L)'
_entity_poly.pdbx_seq_one_letter_code
;MKGMKYHDYIWDLGGTLLDNYETSTAAFVETLALYGITQDHDSVYQALKVSTPFAIETFAPNLENFLEKYKENEARELEH
PILFEGVSDLLEDISNQGGRHFLVSHRNDQVLEILEKTSIAAYFTEVVTSSSGFKRKPNPESMLYLREKYQISSGLVIGD
RPIDIEAGQAAGLDTHLFTSIVNLRQVLDI
;
_entity_poly.pdbx_strand_id   A
#
# COMPACT_ATOMS: atom_id res chain seq x y z
N MET A 4 -13.27 7.05 20.47
CA MET A 4 -12.68 6.13 19.45
C MET A 4 -13.73 5.84 18.38
N LYS A 5 -13.57 6.48 17.21
CA LYS A 5 -14.65 6.57 16.22
C LYS A 5 -14.98 5.23 15.52
N TYR A 6 -13.94 4.43 15.25
CA TYR A 6 -14.11 3.18 14.52
C TYR A 6 -13.47 2.03 15.28
N HIS A 7 -14.05 0.85 15.17
CA HIS A 7 -13.50 -0.36 15.80
C HIS A 7 -12.59 -1.13 14.86
N ASP A 8 -12.98 -1.18 13.59
CA ASP A 8 -12.33 -2.02 12.58
C ASP A 8 -11.78 -1.17 11.45
N TYR A 9 -10.58 -1.54 11.00
CA TYR A 9 -9.82 -0.77 10.04
C TYR A 9 -9.41 -1.72 8.93
N ILE A 10 -9.91 -1.47 7.72
CA ILE A 10 -9.59 -2.30 6.57
C ILE A 10 -8.60 -1.52 5.71
N TRP A 11 -7.38 -2.01 5.67
CA TRP A 11 -6.25 -1.31 5.07
C TRP A 11 -5.91 -1.79 3.68
N ASP A 12 -5.29 -0.89 2.97
CA ASP A 12 -4.61 -1.08 1.70
C ASP A 12 -3.11 -1.11 2.01
N LEU A 13 -2.34 -1.88 1.25
CA LEU A 13 -0.91 -2.00 1.50
C LEU A 13 -0.14 -0.93 0.72
N GLY A 14 0.06 -1.13 -0.58
CA GLY A 14 0.84 -0.19 -1.37
C GLY A 14 0.23 1.19 -1.39
N GLY A 15 1.02 2.20 -1.08
CA GLY A 15 0.56 3.59 -1.10
C GLY A 15 -0.16 4.07 0.15
N THR A 16 -0.38 3.16 1.11
CA THR A 16 -1.09 3.50 2.34
C THR A 16 -0.23 3.08 3.53
N LEU A 17 0.03 1.78 3.69
CA LEU A 17 0.94 1.31 4.74
C LEU A 17 2.38 1.20 4.22
N LEU A 18 2.51 0.68 3.01
CA LEU A 18 3.81 0.42 2.39
C LEU A 18 4.13 1.51 1.38
N ASP A 19 5.29 2.16 1.56
CA ASP A 19 5.76 3.17 0.61
C ASP A 19 6.51 2.45 -0.52
N ASN A 20 5.76 1.74 -1.36
CA ASN A 20 6.38 1.00 -2.46
C ASN A 20 7.05 1.94 -3.45
N TYR A 21 6.54 3.17 -3.61
CA TYR A 21 7.17 4.07 -4.57
C TYR A 21 8.54 4.51 -4.09
N GLU A 22 8.81 4.46 -2.79
CA GLU A 22 10.15 4.82 -2.31
C GLU A 22 11.20 3.78 -2.70
N THR A 23 10.89 2.50 -2.49
CA THR A 23 11.83 1.46 -2.88
C THR A 23 12.00 1.42 -4.40
N SER A 24 10.91 1.62 -5.15
CA SER A 24 10.99 1.64 -6.59
C SER A 24 11.80 2.84 -7.09
N THR A 25 11.61 3.99 -6.47
CA THR A 25 12.38 5.20 -6.84
C THR A 25 13.87 4.98 -6.59
N ALA A 26 14.21 4.41 -5.44
CA ALA A 26 15.60 4.14 -5.15
C ALA A 26 16.21 3.25 -6.22
N ALA A 27 15.50 2.19 -6.60
CA ALA A 27 15.97 1.29 -7.65
C ALA A 27 16.04 1.98 -9.02
N PHE A 28 15.08 2.83 -9.34
CA PHE A 28 15.03 3.49 -10.63
C PHE A 28 16.19 4.49 -10.76
N VAL A 29 16.42 5.27 -9.72
CA VAL A 29 17.52 6.24 -9.69
C VAL A 29 18.87 5.51 -9.81
N GLU A 30 19.05 4.43 -9.08
CA GLU A 30 20.32 3.71 -9.15
C GLU A 30 20.52 3.06 -10.52
N THR A 31 19.44 2.59 -11.15
CA THR A 31 19.53 2.01 -12.49
C THR A 31 19.88 3.10 -13.53
N LEU A 32 19.27 4.28 -13.44
CA LEU A 32 19.65 5.41 -14.29
C LEU A 32 21.15 5.73 -14.19
N ALA A 33 21.70 5.65 -12.98
CA ALA A 33 23.11 5.98 -12.76
C ALA A 33 24.04 5.03 -13.51
N LEU A 34 23.60 3.79 -13.72
CA LEU A 34 24.39 2.81 -14.50
C LEU A 34 24.61 3.29 -15.93
N TYR A 35 23.69 4.11 -16.44
CA TYR A 35 23.79 4.67 -17.79
C TYR A 35 24.37 6.10 -17.78
N GLY A 36 24.87 6.54 -16.64
CA GLY A 36 25.44 7.88 -16.51
C GLY A 36 24.42 8.99 -16.39
N ILE A 37 23.19 8.64 -16.00
CA ILE A 37 22.10 9.60 -15.91
C ILE A 37 21.72 9.85 -14.46
N THR A 38 21.58 11.14 -14.12
CA THR A 38 21.13 11.55 -12.81
C THR A 38 19.74 12.17 -12.92
N GLN A 39 18.79 11.68 -12.13
CA GLN A 39 17.49 12.34 -11.99
C GLN A 39 17.15 12.38 -10.51
N ASP A 40 16.39 13.40 -10.13
CA ASP A 40 16.06 13.64 -8.73
C ASP A 40 14.97 12.71 -8.22
N HIS A 41 15.03 12.45 -6.93
CA HIS A 41 14.07 11.59 -6.23
C HIS A 41 12.62 11.96 -6.49
N ASP A 42 12.27 13.23 -6.27
CA ASP A 42 10.86 13.61 -6.28
C ASP A 42 10.25 13.48 -7.67
N SER A 43 11.03 13.78 -8.71
CA SER A 43 10.53 13.64 -10.09
C SER A 43 10.27 12.19 -10.45
N VAL A 44 11.23 11.34 -10.09
CA VAL A 44 11.12 9.91 -10.38
C VAL A 44 9.96 9.29 -9.61
N TYR A 45 9.81 9.66 -8.35
CA TYR A 45 8.75 9.14 -7.50
C TYR A 45 7.39 9.49 -8.10
N GLN A 46 7.21 10.76 -8.47
CA GLN A 46 5.94 11.18 -9.04
C GLN A 46 5.68 10.49 -10.37
N ALA A 47 6.71 10.35 -11.19
CA ALA A 47 6.53 9.67 -12.48
C ALA A 47 6.10 8.22 -12.29
N LEU A 48 6.74 7.50 -11.38
CA LEU A 48 6.36 6.12 -11.08
C LEU A 48 4.92 6.03 -10.56
N LYS A 49 4.48 7.04 -9.82
CA LYS A 49 3.10 7.06 -9.31
C LYS A 49 2.10 7.18 -10.44
N VAL A 50 2.50 7.80 -11.54
CA VAL A 50 1.69 7.80 -12.77
C VAL A 50 1.69 6.36 -13.31
N SER A 51 2.85 5.91 -13.80
CA SER A 51 3.00 4.51 -14.26
C SER A 51 4.45 4.25 -14.57
N THR A 52 4.83 2.99 -14.57
CA THR A 52 6.18 2.63 -14.96
C THR A 52 6.46 2.97 -16.43
N PRO A 53 5.51 2.68 -17.34
CA PRO A 53 5.77 3.11 -18.71
C PRO A 53 6.00 4.62 -18.86
N PHE A 54 5.27 5.43 -18.09
CA PHE A 54 5.48 6.89 -18.15
C PHE A 54 6.87 7.26 -17.64
N ALA A 55 7.29 6.65 -16.54
CA ALA A 55 8.61 6.93 -16.00
C ALA A 55 9.71 6.54 -16.99
N ILE A 56 9.57 5.38 -17.61
CA ILE A 56 10.57 4.92 -18.58
C ILE A 56 10.59 5.79 -19.84
N GLU A 57 9.42 6.12 -20.37
CA GLU A 57 9.38 6.99 -21.55
C GLU A 57 9.95 8.37 -21.24
N THR A 58 9.77 8.84 -20.02
CA THR A 58 10.25 10.17 -19.61
C THR A 58 11.76 10.19 -19.40
N PHE A 59 12.28 9.21 -18.68
CA PHE A 59 13.65 9.25 -18.20
C PHE A 59 14.60 8.25 -18.88
N ALA A 60 14.07 7.19 -19.48
CA ALA A 60 14.89 6.07 -19.99
C ALA A 60 14.38 5.46 -21.29
N PRO A 61 13.90 6.29 -22.23
CA PRO A 61 13.20 5.74 -23.40
C PRO A 61 14.02 4.81 -24.29
N ASN A 62 15.32 5.08 -24.42
CA ASN A 62 16.19 4.29 -25.29
C ASN A 62 17.40 3.70 -24.56
N LEU A 63 17.25 3.48 -23.26
CA LEU A 63 18.31 2.83 -22.49
C LEU A 63 18.14 1.32 -22.61
N GLU A 64 19.16 0.67 -23.15
CA GLU A 64 19.10 -0.76 -23.47
C GLU A 64 19.09 -1.61 -22.20
N ASN A 65 18.14 -2.55 -22.11
CA ASN A 65 17.99 -3.45 -20.95
C ASN A 65 17.59 -2.74 -19.66
N PHE A 66 17.07 -1.52 -19.74
CA PHE A 66 16.81 -0.73 -18.53
C PHE A 66 15.78 -1.41 -17.64
N LEU A 67 14.64 -1.78 -18.21
CA LEU A 67 13.55 -2.35 -17.39
C LEU A 67 14.01 -3.58 -16.64
N GLU A 68 14.69 -4.48 -17.33
CA GLU A 68 15.16 -5.70 -16.71
C GLU A 68 16.07 -5.43 -15.53
N LYS A 69 17.01 -4.51 -15.71
CA LYS A 69 17.95 -4.15 -14.65
C LYS A 69 17.23 -3.42 -13.52
N TYR A 70 16.30 -2.55 -13.88
CA TYR A 70 15.48 -1.85 -12.88
C TYR A 70 14.72 -2.84 -12.00
N LYS A 71 14.06 -3.83 -12.61
CA LYS A 71 13.29 -4.80 -11.85
C LYS A 71 14.15 -5.62 -10.90
N GLU A 72 15.36 -5.96 -11.35
CA GLU A 72 16.30 -6.66 -10.48
C GLU A 72 16.69 -5.78 -9.28
N ASN A 73 16.99 -4.51 -9.54
CA ASN A 73 17.33 -3.58 -8.47
C ASN A 73 16.15 -3.34 -7.53
N GLU A 74 14.93 -3.32 -8.08
CA GLU A 74 13.73 -3.14 -7.26
C GLU A 74 13.53 -4.33 -6.32
N ALA A 75 13.71 -5.54 -6.84
CA ALA A 75 13.61 -6.74 -5.99
C ALA A 75 14.60 -6.68 -4.85
N ARG A 76 15.82 -6.22 -5.13
CA ARG A 76 16.83 -6.04 -4.08
C ARG A 76 16.40 -5.02 -3.02
N GLU A 77 15.86 -3.88 -3.45
CA GLU A 77 15.34 -2.91 -2.51
C GLU A 77 14.24 -3.50 -1.62
N LEU A 78 13.39 -4.33 -2.21
CA LEU A 78 12.27 -4.93 -1.49
C LEU A 78 12.69 -6.05 -0.53
N GLU A 79 13.98 -6.39 -0.51
CA GLU A 79 14.48 -7.20 0.61
C GLU A 79 14.32 -6.45 1.93
N HIS A 80 14.26 -5.12 1.86
CA HIS A 80 14.01 -4.28 3.02
C HIS A 80 12.95 -3.24 2.66
N PRO A 81 11.68 -3.67 2.64
CA PRO A 81 10.62 -2.73 2.26
C PRO A 81 10.51 -1.57 3.25
N ILE A 82 9.95 -0.46 2.80
CA ILE A 82 9.86 0.76 3.58
C ILE A 82 8.40 1.10 3.81
N LEU A 83 7.97 1.16 5.07
CA LEU A 83 6.62 1.61 5.43
C LEU A 83 6.56 3.12 5.35
N PHE A 84 5.35 3.68 5.23
CA PHE A 84 5.20 5.12 5.45
C PHE A 84 5.59 5.45 6.88
N GLU A 85 6.14 6.64 7.09
CA GLU A 85 6.61 7.05 8.40
C GLU A 85 5.44 7.02 9.38
N GLY A 86 5.63 6.36 10.52
CA GLY A 86 4.64 6.37 11.58
C GLY A 86 3.60 5.26 11.52
N VAL A 87 3.69 4.36 10.53
CA VAL A 87 2.71 3.29 10.42
C VAL A 87 2.61 2.40 11.65
N SER A 88 3.74 1.86 12.11
CA SER A 88 3.66 0.87 13.19
C SER A 88 3.10 1.48 14.48
N ASP A 89 3.45 2.74 14.75
CA ASP A 89 2.90 3.43 15.93
C ASP A 89 1.39 3.65 15.83
N LEU A 90 0.89 3.94 14.63
CA LEU A 90 -0.54 4.13 14.46
C LEU A 90 -1.28 2.82 14.64
N LEU A 91 -0.76 1.75 14.02
CA LEU A 91 -1.37 0.44 14.20
C LEU A 91 -1.45 0.09 15.70
N GLU A 92 -0.37 0.38 16.43
CA GLU A 92 -0.33 0.09 17.87
C GLU A 92 -1.34 0.92 18.66
N ASP A 93 -1.43 2.22 18.37
CA ASP A 93 -2.36 3.06 19.10
C ASP A 93 -3.79 2.56 18.91
N ILE A 94 -4.13 2.14 17.69
CA ILE A 94 -5.46 1.61 17.41
C ILE A 94 -5.69 0.27 18.13
N SER A 95 -4.72 -0.63 18.04
CA SER A 95 -4.85 -1.93 18.70
C SER A 95 -4.95 -1.78 20.22
N ASN A 96 -4.30 -0.77 20.77
CA ASN A 96 -4.39 -0.50 22.20
C ASN A 96 -5.80 -0.09 22.66
N GLN A 97 -6.61 0.41 21.74
CA GLN A 97 -8.01 0.72 22.05
C GLN A 97 -8.98 -0.40 21.68
N GLY A 98 -8.45 -1.59 21.43
CA GLY A 98 -9.27 -2.74 21.09
C GLY A 98 -9.65 -2.81 19.62
N GLY A 99 -9.05 -1.96 18.79
CA GLY A 99 -9.34 -1.99 17.36
C GLY A 99 -8.78 -3.24 16.70
N ARG A 100 -9.37 -3.59 15.56
CA ARG A 100 -8.88 -4.69 14.74
C ARG A 100 -8.48 -4.14 13.39
N HIS A 101 -7.47 -4.78 12.80
CA HIS A 101 -6.92 -4.43 11.51
C HIS A 101 -7.12 -5.59 10.55
N PHE A 102 -7.49 -5.25 9.33
CA PHE A 102 -7.61 -6.19 8.22
C PHE A 102 -6.86 -5.61 7.05
N LEU A 103 -6.48 -6.47 6.11
CA LEU A 103 -5.78 -6.00 4.92
C LEU A 103 -6.40 -6.66 3.70
N VAL A 104 -6.70 -5.87 2.67
CA VAL A 104 -7.17 -6.41 1.39
C VAL A 104 -6.18 -6.01 0.31
N SER A 105 -5.67 -7.02 -0.39
CA SER A 105 -4.74 -6.82 -1.49
C SER A 105 -5.17 -7.66 -2.68
N HIS A 106 -4.87 -7.14 -3.86
CA HIS A 106 -5.02 -7.89 -5.11
C HIS A 106 -3.81 -8.75 -5.42
N ARG A 107 -2.71 -8.53 -4.71
CA ARG A 107 -1.48 -9.27 -4.96
C ARG A 107 -1.60 -10.67 -4.40
N ASN A 108 -0.70 -11.55 -4.84
CA ASN A 108 -0.66 -12.91 -4.35
C ASN A 108 -0.01 -12.98 -2.95
N ASP A 109 0.33 -14.18 -2.51
CA ASP A 109 0.81 -14.37 -1.14
C ASP A 109 2.21 -13.76 -0.84
N GLN A 110 2.86 -13.09 -1.80
CA GLN A 110 4.05 -12.25 -1.49
C GLN A 110 3.72 -11.13 -0.48
N VAL A 111 2.48 -10.68 -0.49
CA VAL A 111 1.98 -9.74 0.52
C VAL A 111 2.42 -10.19 1.89
N LEU A 112 2.32 -11.48 2.15
CA LEU A 112 2.56 -11.98 3.48
C LEU A 112 4.02 -11.80 3.85
N GLU A 113 4.92 -12.00 2.89
CA GLU A 113 6.36 -11.78 3.10
C GLU A 113 6.66 -10.33 3.44
N ILE A 114 6.01 -9.42 2.75
CA ILE A 114 6.21 -7.99 3.01
C ILE A 114 5.80 -7.63 4.44
N LEU A 115 4.68 -8.17 4.90
CA LEU A 115 4.21 -7.90 6.26
C LEU A 115 5.17 -8.45 7.32
N GLU A 116 5.81 -9.58 7.02
CA GLU A 116 6.83 -10.13 7.91
C GLU A 116 8.09 -9.27 7.91
N LYS A 117 8.58 -8.90 6.73
CA LYS A 117 9.81 -8.13 6.64
C LYS A 117 9.68 -6.76 7.30
N THR A 118 8.48 -6.19 7.28
CA THR A 118 8.22 -4.88 7.89
C THR A 118 7.68 -4.98 9.32
N SER A 119 7.59 -6.20 9.84
CA SER A 119 7.17 -6.46 11.22
C SER A 119 5.81 -5.85 11.56
N ILE A 120 4.87 -5.91 10.63
CA ILE A 120 3.49 -5.55 10.95
C ILE A 120 2.48 -6.71 10.77
N ALA A 121 2.96 -7.90 10.46
CA ALA A 121 2.07 -9.05 10.30
C ALA A 121 1.20 -9.28 11.54
N ALA A 122 1.79 -9.05 12.70
CA ALA A 122 1.11 -9.29 13.97
C ALA A 122 -0.14 -8.45 14.17
N TYR A 123 -0.28 -7.36 13.41
CA TYR A 123 -1.43 -6.49 13.57
C TYR A 123 -2.72 -6.99 12.96
N PHE A 124 -2.64 -7.90 11.98
CA PHE A 124 -3.81 -8.19 11.15
C PHE A 124 -4.57 -9.41 11.59
N THR A 125 -5.86 -9.20 11.86
CA THR A 125 -6.75 -10.30 12.18
C THR A 125 -6.92 -11.22 10.97
N GLU A 126 -7.05 -10.63 9.78
CA GLU A 126 -7.03 -11.40 8.54
C GLU A 126 -6.46 -10.55 7.41
N VAL A 127 -5.64 -11.19 6.59
CA VAL A 127 -5.09 -10.62 5.37
C VAL A 127 -5.74 -11.34 4.19
N VAL A 128 -6.41 -10.58 3.34
CA VAL A 128 -7.03 -11.11 2.12
C VAL A 128 -6.08 -10.81 0.98
N THR A 129 -5.61 -11.87 0.30
CA THR A 129 -4.80 -11.73 -0.91
C THR A 129 -5.59 -12.31 -2.07
N SER A 130 -4.99 -12.29 -3.27
CA SER A 130 -5.68 -12.84 -4.44
C SER A 130 -6.07 -14.30 -4.27
N SER A 131 -5.34 -15.03 -3.43
CA SER A 131 -5.59 -16.45 -3.24
C SER A 131 -6.92 -16.74 -2.52
N SER A 132 -7.54 -15.70 -1.94
CA SER A 132 -8.91 -15.84 -1.39
C SER A 132 -9.98 -15.91 -2.48
N GLY A 133 -9.61 -15.60 -3.72
CA GLY A 133 -10.51 -15.75 -4.86
C GLY A 133 -11.53 -14.66 -5.09
N PHE A 134 -11.36 -13.51 -4.43
CA PHE A 134 -12.32 -12.44 -4.61
C PHE A 134 -12.01 -11.55 -5.81
N LYS A 135 -13.05 -10.86 -6.28
CA LYS A 135 -12.90 -9.86 -7.32
C LYS A 135 -12.05 -8.68 -6.81
N ARG A 136 -11.50 -7.93 -7.76
CA ARG A 136 -10.69 -6.77 -7.44
C ARG A 136 -11.59 -5.60 -7.07
N LYS A 137 -11.09 -4.75 -6.18
CA LYS A 137 -11.66 -3.44 -5.95
C LYS A 137 -11.74 -2.74 -7.32
N PRO A 138 -12.78 -1.94 -7.57
CA PRO A 138 -13.81 -1.43 -6.66
C PRO A 138 -14.98 -2.38 -6.34
N ASN A 139 -14.96 -3.61 -6.83
CA ASN A 139 -16.02 -4.56 -6.45
C ASN A 139 -15.95 -4.74 -4.93
N PRO A 140 -17.09 -4.61 -4.22
CA PRO A 140 -17.07 -4.73 -2.77
C PRO A 140 -17.03 -6.15 -2.21
N GLU A 141 -16.92 -7.17 -3.06
CA GLU A 141 -16.98 -8.56 -2.60
C GLU A 141 -16.08 -8.88 -1.39
N SER A 142 -14.79 -8.53 -1.48
CA SER A 142 -13.87 -8.86 -0.40
C SER A 142 -14.18 -8.11 0.89
N MET A 143 -14.58 -6.85 0.78
CA MET A 143 -14.90 -6.09 1.99
C MET A 143 -16.26 -6.55 2.59
N LEU A 144 -17.21 -6.98 1.76
CA LEU A 144 -18.44 -7.57 2.27
C LEU A 144 -18.18 -8.90 2.97
N TYR A 145 -17.23 -9.67 2.44
CA TYR A 145 -16.80 -10.92 3.07
C TYR A 145 -16.28 -10.64 4.49
N LEU A 146 -15.42 -9.63 4.62
CA LEU A 146 -14.88 -9.27 5.92
C LEU A 146 -15.97 -8.75 6.86
N ARG A 147 -16.85 -7.92 6.32
CA ARG A 147 -17.94 -7.36 7.11
C ARG A 147 -18.83 -8.45 7.69
N GLU A 148 -19.15 -9.46 6.87
CA GLU A 148 -19.97 -10.58 7.31
C GLU A 148 -19.22 -11.50 8.28
N LYS A 149 -18.00 -11.89 7.92
CA LYS A 149 -17.25 -12.85 8.70
C LYS A 149 -16.90 -12.29 10.08
N TYR A 150 -16.53 -11.01 10.12
CA TYR A 150 -16.08 -10.37 11.34
C TYR A 150 -17.13 -9.45 11.94
N GLN A 151 -18.33 -9.48 11.37
CA GLN A 151 -19.49 -8.78 11.93
C GLN A 151 -19.13 -7.35 12.26
N ILE A 152 -18.67 -6.65 11.22
CA ILE A 152 -18.16 -5.29 11.33
C ILE A 152 -19.32 -4.29 11.32
N SER A 153 -19.50 -3.60 12.43
CA SER A 153 -20.52 -2.54 12.56
C SER A 153 -19.95 -1.12 12.57
N SER A 154 -18.66 -0.99 12.84
CA SER A 154 -18.00 0.30 12.92
C SER A 154 -16.66 0.18 12.23
N GLY A 155 -16.68 0.31 10.92
CA GLY A 155 -15.50 0.05 10.10
C GLY A 155 -15.08 1.24 9.26
N LEU A 156 -13.77 1.40 9.11
CA LEU A 156 -13.18 2.40 8.25
C LEU A 156 -12.29 1.72 7.21
N VAL A 157 -12.50 2.07 5.94
CA VAL A 157 -11.69 1.56 4.84
C VAL A 157 -10.70 2.64 4.45
N ILE A 158 -9.41 2.33 4.50
CA ILE A 158 -8.36 3.29 4.24
C ILE A 158 -7.56 2.86 3.01
N GLY A 159 -7.49 3.72 2.00
CA GLY A 159 -6.70 3.41 0.82
C GLY A 159 -6.35 4.68 0.08
N ASP A 160 -5.38 4.58 -0.82
CA ASP A 160 -4.89 5.78 -1.50
C ASP A 160 -5.55 6.03 -2.85
N ARG A 161 -6.37 5.11 -3.34
CA ARG A 161 -6.93 5.23 -4.69
C ARG A 161 -8.45 5.29 -4.70
N PRO A 162 -9.01 5.93 -5.75
CA PRO A 162 -10.45 5.90 -5.92
C PRO A 162 -11.10 4.53 -5.76
N ILE A 163 -10.49 3.47 -6.30
CA ILE A 163 -11.13 2.16 -6.22
C ILE A 163 -11.27 1.64 -4.78
N ASP A 164 -10.39 2.12 -3.89
CA ASP A 164 -10.48 1.73 -2.48
C ASP A 164 -11.68 2.37 -1.83
N ILE A 165 -11.87 3.66 -2.13
CA ILE A 165 -13.01 4.41 -1.64
C ILE A 165 -14.31 3.83 -2.19
N GLU A 166 -14.32 3.53 -3.49
CA GLU A 166 -15.51 2.98 -4.12
C GLU A 166 -15.88 1.63 -3.55
N ALA A 167 -14.90 0.77 -3.30
CA ALA A 167 -15.19 -0.53 -2.69
C ALA A 167 -15.76 -0.37 -1.30
N GLY A 168 -15.14 0.51 -0.51
CA GLY A 168 -15.61 0.74 0.85
C GLY A 168 -17.04 1.26 0.87
N GLN A 169 -17.33 2.26 0.05
CA GLN A 169 -18.67 2.84 -0.03
C GLN A 169 -19.69 1.76 -0.41
N ALA A 170 -19.35 0.95 -1.41
CA ALA A 170 -20.26 -0.08 -1.91
C ALA A 170 -20.49 -1.19 -0.87
N ALA A 171 -19.58 -1.31 0.08
CA ALA A 171 -19.70 -2.26 1.17
C ALA A 171 -20.40 -1.67 2.40
N GLY A 172 -20.83 -0.42 2.29
CA GLY A 172 -21.53 0.28 3.38
C GLY A 172 -20.63 0.78 4.50
N LEU A 173 -19.34 0.96 4.22
CA LEU A 173 -18.38 1.36 5.24
C LEU A 173 -17.92 2.79 5.00
N ASP A 174 -17.54 3.48 6.07
CA ASP A 174 -16.90 4.77 5.93
C ASP A 174 -15.52 4.58 5.30
N THR A 175 -15.03 5.64 4.67
CA THR A 175 -13.76 5.59 3.96
C THR A 175 -12.84 6.76 4.31
N HIS A 176 -11.55 6.55 4.08
CA HIS A 176 -10.56 7.60 4.19
C HIS A 176 -9.61 7.49 3.02
N LEU A 177 -9.51 8.57 2.24
CA LEU A 177 -8.57 8.64 1.13
C LEU A 177 -7.22 9.06 1.70
N PHE A 178 -6.33 8.07 1.82
CA PHE A 178 -5.07 8.26 2.50
C PHE A 178 -4.12 9.19 1.77
N THR A 179 -3.61 10.18 2.50
CA THR A 179 -2.53 11.02 2.00
C THR A 179 -1.29 10.98 2.90
N SER A 180 -1.49 10.93 4.22
CA SER A 180 -0.37 10.78 5.16
C SER A 180 -0.84 10.20 6.48
N ILE A 181 0.10 9.60 7.21
CA ILE A 181 -0.22 9.08 8.53
C ILE A 181 -0.62 10.21 9.49
N VAL A 182 0.09 11.34 9.45
CA VAL A 182 -0.24 12.47 10.29
C VAL A 182 -1.68 12.93 10.05
N ASN A 183 -2.10 12.99 8.79
CA ASN A 183 -3.45 13.45 8.50
C ASN A 183 -4.51 12.45 8.95
N LEU A 184 -4.24 11.15 8.81
CA LEU A 184 -5.16 10.14 9.29
C LEU A 184 -5.29 10.24 10.83
N ARG A 185 -4.16 10.42 11.51
CA ARG A 185 -4.21 10.66 12.96
C ARG A 185 -5.08 11.86 13.30
N GLN A 186 -4.94 12.95 12.54
CA GLN A 186 -5.73 14.16 12.81
C GLN A 186 -7.22 13.90 12.67
N VAL A 187 -7.62 13.12 11.66
CA VAL A 187 -9.02 12.79 11.46
C VAL A 187 -9.55 11.88 12.58
N LEU A 188 -8.68 11.03 13.12
CA LEU A 188 -9.05 10.07 14.15
C LEU A 188 -8.84 10.55 15.60
N ASP A 189 -8.25 11.74 15.77
CA ASP A 189 -7.90 12.27 17.10
C ASP A 189 -6.98 11.31 17.88
N ILE A 190 -6.06 10.62 17.21
CA ILE A 190 -5.28 9.58 17.91
C ILE A 190 -3.78 9.76 17.75
#